data_5XH9
#
_entry.id   5XH9
#
_cell.length_a   108.786
_cell.length_b   108.786
_cell.length_c   153.196
_cell.angle_alpha   90.00
_cell.angle_beta   90.00
_cell.angle_gamma   120.00
#
_symmetry.space_group_name_H-M   'P 31 2 1'
#
loop_
_entity.id
_entity.type
_entity.pdbx_description
1 polymer 'Extracellular invertase'
2 non-polymer 'SODIUM ION'
3 water water
#
_entity_poly.entity_id   1
_entity_poly.type   'polypeptide(L)'
_entity_poly.pdbx_seq_one_letter_code
;MSVVIDYNVAPPNLSTLPNGSLFETWRPRAHVLPPNGQIGDPCLHYTDPATGLFHVGFLHDGSGISSATTDDLATYQDLN
QGNQVIVPGGINDPVAVFDGSVIPNGINGLPTLLYTSVSYLPIHWSIPYTRGSETQSLAVSSDGGSNFTKLDQGPVIPGP
PFAYNVTAFRDPYVFQNPTLDSLLHSKNNTWYTVISGGLHEKGPAQFLYRQYDSDFQYWEYLGQWWHEPTNSTWGNGTWA
GRWAFNFETGNVFSLDEYGYNPHGQIFTTIGTEGSDLPVVPQLTSIHDMLWVSGTVSRNGSVSFNPNMAGFLDWGFSSYA
AAGKVLPSTSLPSTKSGAPDRFISYVWLSGDLFEQAEGFPTNQQNWTGTLLLPRELRVLYIPNVVDNALARESGASWQVV
SSDGSAGTVELQTLGISIARETKAALLSGTSFTESGRTLNSSGVVPFKRSPSEKFFVLSAQLSFPASARGSGLKSGFQIL
SSEHESTTVYYQFSNESIIVDRSNTSAAARTTDGIDSSAEAGKLRLFDVLNGGEQAIETLDLTLVVDNSVLEVYANGRFA
LSTWVRSWYANSTNISFFHNGVGGVAFSKVTVSEGLYDAWPDRQY
;
_entity_poly.pdbx_strand_id   A
#
loop_
_chem_comp.id
_chem_comp.type
_chem_comp.name
_chem_comp.formula
NA non-polymer 'SODIUM ION' 'Na 1'
#
# COMPACT_ATOMS: atom_id res chain seq x y z
N SER A 2 -8.47 -14.24 -35.29
CA SER A 2 -7.57 -13.16 -34.75
C SER A 2 -6.23 -13.73 -34.23
N VAL A 3 -5.32 -12.84 -33.82
CA VAL A 3 -3.89 -13.22 -33.70
C VAL A 3 -3.58 -14.30 -32.68
N VAL A 4 -2.56 -15.06 -33.00
CA VAL A 4 -2.14 -16.21 -32.24
C VAL A 4 -1.06 -15.72 -31.29
N ILE A 5 -1.19 -16.01 -30.00
CA ILE A 5 -0.11 -15.69 -29.05
C ILE A 5 0.55 -16.98 -28.59
N ASP A 6 1.88 -17.03 -28.69
CA ASP A 6 2.66 -18.18 -28.23
C ASP A 6 3.84 -17.67 -27.42
N TYR A 7 3.78 -17.92 -26.13
CA TYR A 7 4.77 -17.40 -25.19
C TYR A 7 6.10 -18.19 -25.20
N ASN A 8 6.18 -19.24 -26.00
CA ASN A 8 7.49 -19.84 -26.31
C ASN A 8 8.20 -19.12 -27.46
N VAL A 9 7.49 -18.33 -28.27
CA VAL A 9 8.07 -17.58 -29.40
C VAL A 9 8.35 -16.14 -28.99
N ALA A 10 9.40 -15.54 -29.57
CA ALA A 10 9.84 -14.18 -29.21
C ALA A 10 8.71 -13.16 -29.43
N PRO A 11 8.66 -12.12 -28.59
CA PRO A 11 7.59 -11.13 -28.74
C PRO A 11 7.87 -10.14 -29.90
N PRO A 12 6.81 -9.58 -30.50
CA PRO A 12 6.94 -8.44 -31.40
C PRO A 12 7.15 -7.18 -30.56
N ASN A 13 7.09 -6.04 -31.23
CA ASN A 13 6.83 -4.77 -30.58
C ASN A 13 5.35 -4.88 -30.21
N LEU A 14 5.04 -4.86 -28.92
CA LEU A 14 3.69 -5.17 -28.44
C LEU A 14 2.66 -4.12 -28.84
N SER A 15 3.12 -2.89 -29.11
CA SER A 15 2.26 -1.83 -29.63
C SER A 15 1.63 -2.14 -31.00
N THR A 16 2.14 -3.13 -31.75
CA THR A 16 1.58 -3.52 -33.08
C THR A 16 0.46 -4.56 -33.03
N LEU A 17 0.28 -5.19 -31.87
CA LEU A 17 -0.74 -6.23 -31.74
C LEU A 17 -2.16 -5.65 -31.66
N PRO A 18 -3.18 -6.48 -31.93
CA PRO A 18 -4.57 -5.98 -31.77
C PRO A 18 -4.93 -5.55 -30.35
N ASN A 19 -6.03 -4.78 -30.27
CA ASN A 19 -6.58 -4.32 -29.00
C ASN A 19 -7.08 -5.54 -28.20
N GLY A 20 -6.78 -5.56 -26.89
CA GLY A 20 -7.20 -6.67 -26.03
C GLY A 20 -6.41 -7.98 -26.13
N SER A 21 -5.46 -8.08 -27.07
CA SER A 21 -4.75 -9.35 -27.31
C SER A 21 -3.85 -9.77 -26.14
N LEU A 22 -3.40 -8.79 -25.34
CA LEU A 22 -2.57 -9.06 -24.18
C LEU A 22 -3.34 -8.95 -22.86
N PHE A 23 -4.65 -9.19 -22.88
CA PHE A 23 -5.47 -9.07 -21.68
C PHE A 23 -4.98 -9.98 -20.53
N GLU A 24 -4.70 -11.24 -20.84
CA GLU A 24 -4.29 -12.24 -19.82
C GLU A 24 -2.77 -12.25 -19.55
N THR A 25 -1.98 -11.68 -20.44
CA THR A 25 -0.53 -11.86 -20.46
C THR A 25 0.15 -11.65 -19.11
N TRP A 26 -0.20 -10.55 -18.46
CA TRP A 26 0.41 -10.14 -17.20
C TRP A 26 -0.57 -10.00 -16.04
N ARG A 27 -1.78 -10.50 -16.26
CA ARG A 27 -2.90 -10.23 -15.38
C ARG A 27 -2.88 -11.13 -14.16
N PRO A 28 -3.06 -10.54 -12.97
CA PRO A 28 -3.09 -11.33 -11.74
C PRO A 28 -4.41 -12.07 -11.60
N ARG A 29 -4.42 -13.14 -10.80
CA ARG A 29 -5.66 -13.82 -10.43
C ARG A 29 -6.10 -13.64 -8.97
N ALA A 30 -5.21 -13.15 -8.10
CA ALA A 30 -5.49 -13.08 -6.67
C ALA A 30 -5.43 -11.66 -6.08
N HIS A 31 -5.57 -10.66 -6.94
CA HIS A 31 -5.55 -9.25 -6.55
C HIS A 31 -6.87 -8.56 -6.94
N VAL A 32 -7.17 -7.50 -6.22
CA VAL A 32 -8.31 -6.65 -6.51
C VAL A 32 -7.94 -5.69 -7.62
N LEU A 33 -8.67 -5.79 -8.72
CA LEU A 33 -8.58 -4.87 -9.82
C LEU A 33 -9.91 -5.03 -10.58
N PRO A 34 -10.31 -4.01 -11.38
CA PRO A 34 -11.61 -4.07 -12.04
C PRO A 34 -11.65 -5.12 -13.13
N PRO A 35 -12.84 -5.35 -13.74
CA PRO A 35 -12.92 -6.35 -14.83
C PRO A 35 -12.05 -5.99 -16.03
N ASN A 36 -11.86 -4.69 -16.26
CA ASN A 36 -10.98 -4.21 -17.32
C ASN A 36 -10.68 -2.75 -17.03
N GLY A 37 -9.86 -2.12 -17.86
CA GLY A 37 -9.58 -0.70 -17.75
C GLY A 37 -8.69 -0.34 -16.56
N GLN A 38 -8.71 0.93 -16.17
CA GLN A 38 -7.72 1.50 -15.30
C GLN A 38 -8.24 1.57 -13.88
N ILE A 39 -7.36 1.26 -12.92
CA ILE A 39 -7.62 1.46 -11.50
C ILE A 39 -6.73 2.57 -10.94
N GLY A 40 -7.34 3.44 -10.14
CA GLY A 40 -6.70 4.58 -9.50
C GLY A 40 -6.82 4.40 -7.99
N ASP A 41 -6.82 5.50 -7.25
CA ASP A 41 -6.74 5.42 -5.79
C ASP A 41 -7.87 4.52 -5.22
N PRO A 42 -7.54 3.59 -4.32
CA PRO A 42 -8.62 2.94 -3.62
C PRO A 42 -9.29 3.90 -2.61
N CYS A 43 -10.55 3.63 -2.29
CA CYS A 43 -11.30 4.47 -1.36
C CYS A 43 -12.67 3.81 -1.09
N LEU A 44 -13.54 4.50 -0.35
CA LEU A 44 -14.94 4.10 -0.17
C LEU A 44 -15.15 2.80 0.64
N HIS A 45 -14.09 2.13 1.10
CA HIS A 45 -14.27 0.84 1.78
C HIS A 45 -15.19 1.03 2.99
N TYR A 46 -16.04 0.03 3.23
CA TYR A 46 -16.79 -0.05 4.48
C TYR A 46 -17.34 -1.45 4.74
N THR A 47 -17.61 -1.73 6.01
CA THR A 47 -18.35 -2.90 6.40
C THR A 47 -19.83 -2.52 6.53
N ASP A 48 -20.71 -3.21 5.82
CA ASP A 48 -22.14 -2.98 5.91
C ASP A 48 -22.65 -3.62 7.22
N PRO A 49 -23.09 -2.80 8.19
CA PRO A 49 -23.53 -3.40 9.47
C PRO A 49 -24.73 -4.37 9.34
N ALA A 50 -25.62 -4.14 8.38
CA ALA A 50 -26.78 -5.03 8.14
C ALA A 50 -26.42 -6.42 7.61
N THR A 51 -25.54 -6.51 6.61
CA THR A 51 -25.15 -7.78 5.98
C THR A 51 -23.86 -8.42 6.53
N GLY A 52 -23.01 -7.63 7.18
CA GLY A 52 -21.66 -8.07 7.48
C GLY A 52 -20.64 -8.07 6.31
N LEU A 53 -21.07 -7.77 5.08
CA LEU A 53 -20.13 -7.79 3.93
C LEU A 53 -19.17 -6.61 4.00
N PHE A 54 -17.89 -6.87 3.68
CA PHE A 54 -16.88 -5.84 3.50
C PHE A 54 -16.89 -5.35 2.05
N HIS A 55 -17.11 -4.06 1.89
CA HIS A 55 -17.12 -3.41 0.59
C HIS A 55 -15.75 -2.74 0.37
N VAL A 56 -15.22 -2.88 -0.84
CA VAL A 56 -14.00 -2.19 -1.27
C VAL A 56 -14.35 -1.28 -2.45
N GLY A 57 -13.59 -0.21 -2.63
CA GLY A 57 -13.81 0.74 -3.71
C GLY A 57 -12.50 1.27 -4.25
N PHE A 58 -12.60 1.87 -5.44
CA PHE A 58 -11.42 2.48 -6.05
C PHE A 58 -11.86 3.37 -7.20
N LEU A 59 -11.07 4.41 -7.47
CA LEU A 59 -11.27 5.16 -8.67
C LEU A 59 -11.08 4.23 -9.87
N HIS A 60 -11.87 4.44 -10.92
CA HIS A 60 -11.88 3.57 -12.08
C HIS A 60 -11.97 4.41 -13.37
N ASP A 61 -10.96 4.27 -14.23
CA ASP A 61 -10.89 4.99 -15.52
C ASP A 61 -10.96 6.53 -15.41
N GLY A 62 -10.56 7.08 -14.27
CA GLY A 62 -10.62 8.55 -14.07
C GLY A 62 -12.05 9.11 -14.12
N SER A 63 -13.04 8.24 -13.90
CA SER A 63 -14.46 8.60 -14.12
C SER A 63 -15.37 8.09 -12.99
N GLY A 64 -14.92 8.22 -11.75
CA GLY A 64 -15.76 7.87 -10.59
C GLY A 64 -15.28 6.64 -9.86
N ILE A 65 -16.07 6.17 -8.90
CA ILE A 65 -15.63 5.13 -7.98
C ILE A 65 -16.39 3.84 -8.29
N SER A 66 -15.69 2.71 -8.44
CA SER A 66 -16.30 1.39 -8.62
C SER A 66 -16.08 0.62 -7.31
N SER A 67 -16.76 -0.52 -7.17
CA SER A 67 -16.82 -1.23 -5.91
C SER A 67 -17.10 -2.74 -6.05
N ALA A 68 -16.73 -3.46 -5.01
CA ALA A 68 -16.91 -4.90 -4.92
C ALA A 68 -17.10 -5.31 -3.45
N THR A 69 -17.64 -6.50 -3.23
CA THR A 69 -17.86 -7.01 -1.87
C THR A 69 -17.05 -8.26 -1.61
N THR A 70 -16.79 -8.57 -0.35
CA THR A 70 -16.22 -9.86 0.07
C THR A 70 -16.87 -10.32 1.37
N ASP A 71 -17.18 -11.61 1.44
CA ASP A 71 -17.68 -12.26 2.65
C ASP A 71 -16.57 -13.02 3.40
N ASP A 72 -15.37 -13.06 2.82
CA ASP A 72 -14.28 -13.88 3.38
C ASP A 72 -12.92 -13.18 3.50
N LEU A 73 -12.79 -11.96 3.00
CA LEU A 73 -11.49 -11.25 2.86
C LEU A 73 -10.42 -12.05 2.09
N ALA A 74 -10.90 -12.74 1.06
CA ALA A 74 -10.06 -13.50 0.15
C ALA A 74 -10.54 -13.31 -1.29
N THR A 75 -11.81 -13.65 -1.54
CA THR A 75 -12.50 -13.50 -2.82
C THR A 75 -13.52 -12.35 -2.86
N TYR A 76 -13.80 -11.86 -4.08
CA TYR A 76 -14.64 -10.67 -4.32
C TYR A 76 -15.73 -10.88 -5.36
N GLN A 77 -16.82 -10.12 -5.17
CA GLN A 77 -17.95 -10.11 -6.08
C GLN A 77 -18.12 -8.65 -6.54
N ASP A 78 -18.09 -8.41 -7.86
CA ASP A 78 -18.29 -7.06 -8.40
C ASP A 78 -19.66 -6.53 -8.01
N LEU A 79 -19.76 -5.24 -7.76
CA LEU A 79 -21.08 -4.58 -7.68
C LEU A 79 -21.27 -3.81 -8.97
N ASN A 80 -22.52 -3.72 -9.43
CA ASN A 80 -22.87 -2.95 -10.64
C ASN A 80 -22.03 -3.33 -11.87
N GLN A 81 -21.70 -4.63 -11.98
CA GLN A 81 -20.77 -5.20 -12.99
C GLN A 81 -19.44 -4.49 -13.19
N GLY A 82 -18.92 -3.84 -12.16
CA GLY A 82 -17.64 -3.16 -12.24
C GLY A 82 -17.76 -1.71 -12.64
N ASN A 83 -18.96 -1.31 -13.04
CA ASN A 83 -19.22 0.06 -13.40
C ASN A 83 -19.39 0.91 -12.14
N GLN A 84 -19.13 2.20 -12.31
CA GLN A 84 -18.96 3.10 -11.19
C GLN A 84 -20.26 3.26 -10.38
N VAL A 85 -20.12 3.24 -9.06
CA VAL A 85 -21.23 3.47 -8.11
C VAL A 85 -21.53 4.96 -7.93
N ILE A 86 -20.62 5.82 -8.35
CA ILE A 86 -20.86 7.26 -8.39
C ILE A 86 -19.94 7.84 -9.47
N VAL A 87 -20.47 8.75 -10.30
CA VAL A 87 -19.75 9.34 -11.44
C VAL A 87 -19.76 10.86 -11.35
N PRO A 88 -18.79 11.52 -12.02
CA PRO A 88 -18.84 12.98 -12.16
C PRO A 88 -20.00 13.44 -13.04
N GLY A 89 -20.25 14.74 -13.10
CA GLY A 89 -21.31 15.33 -13.97
C GLY A 89 -22.54 15.85 -13.23
N GLY A 90 -22.49 15.87 -11.90
CA GLY A 90 -23.53 16.50 -11.10
C GLY A 90 -23.20 17.97 -10.86
N ILE A 91 -24.08 18.61 -10.11
CA ILE A 91 -23.97 20.02 -9.86
C ILE A 91 -22.70 20.38 -9.06
N ASN A 92 -22.41 19.57 -8.03
CA ASN A 92 -21.24 19.77 -7.16
C ASN A 92 -19.93 19.26 -7.74
N ASP A 93 -20.02 18.24 -8.60
CA ASP A 93 -18.84 17.55 -9.17
C ASP A 93 -18.93 17.45 -10.71
N PRO A 94 -19.08 18.60 -11.40
CA PRO A 94 -19.32 18.54 -12.83
C PRO A 94 -18.12 18.03 -13.62
N VAL A 95 -16.92 18.12 -13.04
CA VAL A 95 -15.70 17.72 -13.74
C VAL A 95 -15.12 16.42 -13.23
N ALA A 96 -15.07 16.17 -11.93
CA ALA A 96 -14.46 14.93 -11.46
C ALA A 96 -14.93 14.51 -10.09
N VAL A 97 -14.69 13.24 -9.81
CA VAL A 97 -14.87 12.63 -8.50
C VAL A 97 -13.54 12.09 -8.05
N PHE A 98 -13.06 12.57 -6.92
CA PHE A 98 -11.85 12.05 -6.31
C PHE A 98 -12.27 11.19 -5.07
N ASP A 99 -11.27 10.67 -4.35
CA ASP A 99 -11.47 9.84 -3.16
C ASP A 99 -12.58 10.33 -2.22
N GLY A 100 -13.24 9.38 -1.60
CA GLY A 100 -14.14 9.64 -0.50
C GLY A 100 -14.13 8.45 0.43
N SER A 101 -14.70 8.66 1.62
CA SER A 101 -14.79 7.62 2.62
C SER A 101 -16.21 7.50 3.11
N VAL A 102 -16.52 6.42 3.81
CA VAL A 102 -17.89 6.07 4.10
C VAL A 102 -18.12 5.96 5.61
N ILE A 103 -19.17 6.64 6.05
CA ILE A 103 -19.76 6.44 7.36
C ILE A 103 -20.77 5.30 7.18
N PRO A 104 -20.47 4.10 7.70
CA PRO A 104 -21.30 2.95 7.36
C PRO A 104 -22.74 3.06 7.85
N ASN A 105 -22.94 3.67 9.01
CA ASN A 105 -24.26 3.81 9.61
C ASN A 105 -24.61 5.29 9.71
N GLY A 106 -25.01 5.85 8.58
CA GLY A 106 -25.16 7.30 8.42
C GLY A 106 -26.59 7.74 8.26
N ILE A 107 -26.81 8.58 7.25
CA ILE A 107 -28.12 9.19 6.99
C ILE A 107 -29.10 8.08 6.70
N ASN A 108 -30.25 8.14 7.36
CA ASN A 108 -31.23 7.06 7.34
C ASN A 108 -30.63 5.69 7.60
N GLY A 109 -29.59 5.61 8.43
CA GLY A 109 -28.92 4.31 8.72
C GLY A 109 -28.26 3.63 7.50
N LEU A 110 -27.98 4.43 6.47
CA LEU A 110 -27.43 3.95 5.22
C LEU A 110 -25.96 4.35 5.08
N PRO A 111 -25.19 3.59 4.28
CA PRO A 111 -23.80 4.02 4.03
C PRO A 111 -23.77 5.40 3.41
N THR A 112 -22.97 6.29 3.99
CA THR A 112 -22.93 7.68 3.62
C THR A 112 -21.53 8.09 3.23
N LEU A 113 -21.36 8.41 1.94
CA LEU A 113 -20.07 8.74 1.35
C LEU A 113 -19.82 10.23 1.47
N LEU A 114 -18.67 10.60 2.02
CA LEU A 114 -18.17 11.96 2.00
C LEU A 114 -16.96 11.92 1.07
N TYR A 115 -16.98 12.74 0.02
CA TYR A 115 -15.99 12.63 -1.08
C TYR A 115 -15.64 13.96 -1.68
N THR A 116 -14.52 13.98 -2.38
CA THR A 116 -14.10 15.21 -3.06
C THR A 116 -14.80 15.35 -4.42
N SER A 117 -15.68 16.36 -4.50
CA SER A 117 -16.37 16.78 -5.71
C SER A 117 -15.57 17.89 -6.40
N VAL A 118 -15.28 17.73 -7.69
CA VAL A 118 -14.34 18.60 -8.43
C VAL A 118 -15.06 19.39 -9.52
N SER A 119 -14.84 20.70 -9.55
CA SER A 119 -15.49 21.64 -10.47
C SER A 119 -14.53 22.36 -11.44
N TYR A 120 -13.24 22.34 -11.14
CA TYR A 120 -12.23 23.04 -11.92
C TYR A 120 -10.92 22.25 -11.94
N LEU A 121 -10.40 22.06 -13.14
CA LEU A 121 -9.13 21.41 -13.41
C LEU A 121 -8.31 22.39 -14.25
N PRO A 122 -6.97 22.27 -14.26
CA PRO A 122 -6.22 21.22 -13.56
C PRO A 122 -5.94 21.58 -12.09
N ILE A 123 -5.56 20.58 -11.30
CA ILE A 123 -5.26 20.74 -9.86
C ILE A 123 -3.91 20.07 -9.58
N HIS A 124 -2.99 20.83 -8.97
CA HIS A 124 -1.67 20.30 -8.62
C HIS A 124 -0.97 21.22 -7.62
N TRP A 125 -0.19 20.61 -6.72
CA TRP A 125 0.50 21.36 -5.69
C TRP A 125 1.50 22.39 -6.26
N SER A 126 2.05 22.12 -7.43
CA SER A 126 3.09 22.95 -8.06
C SER A 126 2.59 24.20 -8.76
N ILE A 127 1.29 24.33 -8.98
CA ILE A 127 0.69 25.48 -9.66
C ILE A 127 -0.24 26.23 -8.71
N PRO A 128 -0.67 27.44 -9.13
CA PRO A 128 -1.62 28.16 -8.29
C PRO A 128 -2.97 27.42 -8.22
N TYR A 129 -3.59 27.48 -7.05
CA TYR A 129 -4.79 26.74 -6.76
C TYR A 129 -6.00 27.55 -7.24
N THR A 130 -6.91 26.88 -7.95
CA THR A 130 -8.16 27.49 -8.41
C THR A 130 -9.16 27.38 -7.26
N ARG A 131 -9.62 28.52 -6.77
CA ARG A 131 -10.61 28.60 -5.71
C ARG A 131 -11.84 27.73 -6.03
N GLY A 132 -12.30 26.93 -5.08
CA GLY A 132 -13.48 26.09 -5.30
C GLY A 132 -13.32 24.87 -6.18
N SER A 133 -12.10 24.56 -6.59
CA SER A 133 -11.86 23.42 -7.46
C SER A 133 -12.18 22.11 -6.74
N GLU A 134 -11.95 22.06 -5.42
CA GLU A 134 -12.24 20.88 -4.60
C GLU A 134 -13.13 21.21 -3.40
N THR A 135 -14.24 20.49 -3.29
CA THR A 135 -15.17 20.63 -2.19
C THR A 135 -15.46 19.24 -1.70
N GLN A 136 -16.11 19.14 -0.54
CA GLN A 136 -16.47 17.84 -0.01
C GLN A 136 -18.00 17.73 0.06
N SER A 137 -18.54 16.68 -0.58
CA SER A 137 -19.97 16.48 -0.80
C SER A 137 -20.42 15.13 -0.25
N LEU A 138 -21.73 15.00 -0.03
CA LEU A 138 -22.30 13.76 0.53
C LEU A 138 -23.12 12.99 -0.49
N ALA A 139 -23.01 11.68 -0.44
CA ALA A 139 -23.90 10.81 -1.16
C ALA A 139 -24.25 9.61 -0.25
N VAL A 140 -25.36 8.95 -0.56
CA VAL A 140 -25.93 7.90 0.27
C VAL A 140 -26.37 6.75 -0.63
N SER A 141 -26.07 5.51 -0.25
CA SER A 141 -26.54 4.34 -0.98
C SER A 141 -27.74 3.66 -0.29
N SER A 142 -28.87 3.59 -0.99
CA SER A 142 -30.06 2.89 -0.53
C SER A 142 -30.24 1.50 -1.18
N ASP A 143 -29.25 1.01 -1.95
CA ASP A 143 -29.44 -0.23 -2.72
C ASP A 143 -28.37 -1.29 -2.43
N GLY A 144 -27.72 -1.20 -1.28
CA GLY A 144 -26.66 -2.13 -0.91
C GLY A 144 -25.27 -1.82 -1.48
N GLY A 145 -25.01 -0.55 -1.84
CA GLY A 145 -23.67 -0.09 -2.22
C GLY A 145 -23.34 -0.14 -3.69
N SER A 146 -24.33 -0.43 -4.53
CA SER A 146 -24.15 -0.42 -5.98
C SER A 146 -24.28 0.96 -6.59
N ASN A 147 -25.05 1.84 -5.94
CA ASN A 147 -25.20 3.22 -6.40
C ASN A 147 -25.24 4.14 -5.19
N PHE A 148 -24.37 5.14 -5.20
CA PHE A 148 -24.41 6.21 -4.20
C PHE A 148 -25.11 7.42 -4.85
N THR A 149 -26.29 7.73 -4.34
CA THR A 149 -27.13 8.86 -4.73
C THR A 149 -26.61 10.13 -4.02
N LYS A 150 -26.23 11.14 -4.81
CA LYS A 150 -25.78 12.41 -4.29
C LYS A 150 -26.92 13.17 -3.61
N LEU A 151 -26.70 13.70 -2.42
CA LEU A 151 -27.68 14.62 -1.84
C LEU A 151 -27.84 15.79 -2.77
N ASP A 152 -29.10 16.20 -2.93
CA ASP A 152 -29.49 17.26 -3.84
C ASP A 152 -29.29 18.60 -3.09
N GLN A 153 -28.05 18.89 -2.78
CA GLN A 153 -27.63 20.12 -2.13
C GLN A 153 -26.16 20.34 -2.46
N GLY A 154 -25.65 21.50 -2.07
CA GLY A 154 -24.26 21.83 -2.26
C GLY A 154 -23.35 21.05 -1.32
N PRO A 155 -22.04 21.27 -1.46
CA PRO A 155 -21.07 20.54 -0.64
C PRO A 155 -21.21 20.87 0.83
N VAL A 156 -20.87 19.92 1.70
CA VAL A 156 -20.95 20.13 3.16
C VAL A 156 -19.68 20.78 3.71
N ILE A 157 -18.58 20.68 2.96
CA ILE A 157 -17.39 21.47 3.23
C ILE A 157 -17.04 22.17 1.92
N PRO A 158 -17.53 23.42 1.72
CA PRO A 158 -17.30 24.12 0.44
C PRO A 158 -15.88 24.64 0.14
N GLY A 159 -14.95 24.47 1.06
CA GLY A 159 -13.58 24.91 0.84
C GLY A 159 -12.74 24.92 2.08
N PRO A 160 -11.46 25.26 1.92
CA PRO A 160 -10.57 25.34 3.07
C PRO A 160 -10.92 26.54 3.93
N PRO A 161 -10.35 26.63 5.13
CA PRO A 161 -10.61 27.77 6.02
C PRO A 161 -10.25 29.10 5.37
N PHE A 162 -10.84 30.17 5.90
CA PHE A 162 -10.85 31.50 5.30
C PHE A 162 -9.45 31.96 4.86
N ALA A 163 -9.30 32.30 3.57
CA ALA A 163 -8.02 32.80 2.98
C ALA A 163 -6.84 31.85 2.95
N TYR A 164 -7.01 30.55 3.25
CA TYR A 164 -5.89 29.60 3.19
C TYR A 164 -5.55 29.33 1.75
N ASN A 165 -4.27 29.49 1.40
CA ASN A 165 -3.76 29.26 0.04
C ASN A 165 -3.26 27.79 -0.03
N VAL A 166 -4.22 26.87 -0.19
CA VAL A 166 -3.93 25.46 -0.20
C VAL A 166 -3.23 25.00 -1.47
N THR A 167 -2.38 24.00 -1.33
CA THR A 167 -1.81 23.23 -2.45
C THR A 167 -2.80 22.22 -2.99
N ALA A 168 -3.68 21.75 -2.10
CA ALA A 168 -4.63 20.68 -2.34
C ALA A 168 -5.57 20.59 -1.16
N PHE A 169 -6.75 20.04 -1.40
CA PHE A 169 -7.79 19.96 -0.37
C PHE A 169 -8.79 18.83 -0.71
N ARG A 170 -8.36 17.58 -0.49
CA ARG A 170 -9.09 16.44 -1.00
C ARG A 170 -8.91 15.18 -0.13
N ASP A 171 -9.62 14.12 -0.50
CA ASP A 171 -9.46 12.78 0.08
C ASP A 171 -9.95 12.70 1.53
N PRO A 172 -11.17 13.20 1.78
CA PRO A 172 -11.67 13.20 3.15
C PRO A 172 -11.78 11.80 3.70
N TYR A 173 -11.24 11.60 4.91
CA TYR A 173 -11.16 10.31 5.55
C TYR A 173 -11.89 10.37 6.89
N VAL A 174 -13.06 9.73 6.97
CA VAL A 174 -13.85 9.70 8.18
C VAL A 174 -13.38 8.61 9.14
N PHE A 175 -13.34 8.93 10.43
CA PHE A 175 -12.86 8.00 11.45
C PHE A 175 -13.38 8.38 12.84
N GLN A 176 -13.45 7.40 13.74
CA GLN A 176 -13.84 7.64 15.16
C GLN A 176 -12.63 7.34 16.02
N ASN A 177 -12.58 7.98 17.20
CA ASN A 177 -11.43 7.88 18.10
C ASN A 177 -11.72 8.48 19.47
N PRO A 178 -11.83 7.64 20.51
CA PRO A 178 -12.14 8.18 21.83
C PRO A 178 -10.99 8.94 22.49
N THR A 179 -9.76 8.76 22.01
CA THR A 179 -8.65 9.58 22.51
C THR A 179 -8.88 11.03 22.10
N LEU A 180 -9.23 11.26 20.83
CA LEU A 180 -9.63 12.59 20.40
C LEU A 180 -10.86 13.10 21.17
N ASP A 181 -11.88 12.27 21.34
CA ASP A 181 -13.10 12.64 22.09
C ASP A 181 -12.76 13.23 23.48
N SER A 182 -11.88 12.54 24.19
CA SER A 182 -11.52 12.90 25.56
C SER A 182 -10.69 14.18 25.57
N LEU A 183 -9.71 14.30 24.69
CA LEU A 183 -8.94 15.55 24.56
C LEU A 183 -9.75 16.78 24.16
N LEU A 184 -10.82 16.60 23.38
CA LEU A 184 -11.59 17.72 22.79
C LEU A 184 -12.98 17.89 23.42
N HIS A 185 -13.31 17.03 24.39
CA HIS A 185 -14.63 17.00 24.99
C HIS A 185 -15.73 16.84 23.95
N SER A 186 -15.47 16.01 22.93
CA SER A 186 -16.44 15.75 21.86
C SER A 186 -17.47 14.81 22.41
N LYS A 187 -18.64 14.73 21.79
CA LYS A 187 -19.63 13.72 22.18
C LYS A 187 -19.06 12.33 21.91
N ASN A 188 -19.50 11.32 22.66
CA ASN A 188 -18.97 9.97 22.48
C ASN A 188 -19.30 9.50 21.05
N ASN A 189 -18.34 8.83 20.41
CA ASN A 189 -18.51 8.32 19.03
C ASN A 189 -18.79 9.45 18.00
N THR A 190 -18.14 10.59 18.21
CA THR A 190 -18.08 11.66 17.24
C THR A 190 -17.32 11.16 16.03
N TRP A 191 -17.80 11.51 14.85
CA TRP A 191 -17.05 11.29 13.59
C TRP A 191 -16.14 12.46 13.33
N TYR A 192 -14.87 12.15 13.09
CA TYR A 192 -13.87 13.08 12.63
C TYR A 192 -13.63 12.86 11.12
N THR A 193 -13.14 13.91 10.47
CA THR A 193 -12.67 13.86 9.12
C THR A 193 -11.32 14.54 9.03
N VAL A 194 -10.34 13.86 8.42
CA VAL A 194 -9.14 14.57 7.95
C VAL A 194 -9.23 14.75 6.45
N ILE A 195 -8.79 15.92 6.00
CA ILE A 195 -8.67 16.25 4.58
C ILE A 195 -7.20 16.49 4.37
N SER A 196 -6.68 16.00 3.24
CA SER A 196 -5.24 15.98 2.98
C SER A 196 -4.86 17.03 1.98
N GLY A 197 -3.72 17.65 2.20
CA GLY A 197 -3.18 18.59 1.24
C GLY A 197 -1.99 19.35 1.78
N GLY A 198 -2.12 20.66 1.86
CA GLY A 198 -1.02 21.51 2.27
C GLY A 198 -1.29 22.98 2.06
N LEU A 199 -0.26 23.77 2.31
CA LEU A 199 -0.31 25.22 2.10
C LEU A 199 0.94 25.66 1.34
N HIS A 200 0.72 26.43 0.27
CA HIS A 200 1.79 27.11 -0.46
C HIS A 200 2.61 27.97 0.50
N GLU A 201 3.94 27.86 0.35
CA GLU A 201 4.91 28.60 1.16
C GLU A 201 5.01 28.16 2.63
N LYS A 202 4.30 27.08 3.02
CA LYS A 202 4.36 26.58 4.40
C LYS A 202 4.68 25.10 4.38
N GLY A 203 3.82 24.29 3.76
CA GLY A 203 4.11 22.87 3.54
C GLY A 203 2.91 21.96 3.76
N PRO A 204 3.12 20.65 3.60
CA PRO A 204 2.03 19.70 3.64
C PRO A 204 1.32 19.64 4.98
N ALA A 205 0.06 19.20 4.97
CA ALA A 205 -0.78 19.18 6.16
C ALA A 205 -1.98 18.24 6.06
N GLN A 206 -2.44 17.79 7.21
CA GLN A 206 -3.75 17.20 7.37
C GLN A 206 -4.60 18.23 8.12
N PHE A 207 -5.73 18.58 7.52
CA PHE A 207 -6.74 19.47 8.08
C PHE A 207 -7.74 18.60 8.80
N LEU A 208 -8.02 18.91 10.08
CA LEU A 208 -8.87 18.07 10.94
C LEU A 208 -10.20 18.73 11.24
N TYR A 209 -11.28 17.94 11.20
CA TYR A 209 -12.65 18.41 11.46
C TYR A 209 -13.40 17.39 12.32
N ARG A 210 -14.45 17.83 13.00
CA ARG A 210 -15.41 16.93 13.62
C ARG A 210 -16.81 17.33 13.24
N GLN A 211 -17.71 16.33 13.18
CA GLN A 211 -19.13 16.60 12.96
C GLN A 211 -19.63 17.54 14.08
N TYR A 212 -20.36 18.57 13.67
CA TYR A 212 -20.96 19.57 14.55
C TYR A 212 -22.36 19.17 15.00
N ASP A 213 -23.02 18.39 14.17
CA ASP A 213 -24.44 18.14 14.27
C ASP A 213 -24.64 16.67 14.04
N SER A 214 -25.70 16.12 14.61
CA SER A 214 -26.08 14.76 14.23
C SER A 214 -26.26 14.56 12.70
N ASP A 215 -26.56 15.61 11.88
CA ASP A 215 -26.90 15.43 10.43
C ASP A 215 -25.74 15.23 9.41
N PHE A 216 -24.46 15.32 9.85
CA PHE A 216 -23.27 15.29 8.94
C PHE A 216 -23.17 16.46 7.96
N GLN A 217 -23.91 17.52 8.25
CA GLN A 217 -24.11 18.67 7.39
C GLN A 217 -22.97 19.67 7.62
N TYR A 218 -22.56 19.84 8.88
CA TYR A 218 -21.54 20.82 9.21
C TYR A 218 -20.35 20.13 9.88
N TRP A 219 -19.15 20.56 9.49
CA TRP A 219 -17.89 20.00 9.99
C TRP A 219 -17.05 21.13 10.58
N GLU A 220 -16.88 21.06 11.90
CA GLU A 220 -16.20 22.09 12.67
C GLU A 220 -14.72 21.93 12.46
N TYR A 221 -14.05 22.99 12.05
CA TYR A 221 -12.61 22.96 11.82
C TYR A 221 -11.80 22.96 13.14
N LEU A 222 -10.89 21.98 13.28
CA LEU A 222 -10.09 21.78 14.51
C LEU A 222 -8.60 22.12 14.32
N GLY A 223 -8.26 22.67 13.17
CA GLY A 223 -6.89 23.13 12.88
C GLY A 223 -6.09 22.15 12.02
N GLN A 224 -4.89 22.58 11.65
CA GLN A 224 -3.95 21.68 11.03
C GLN A 224 -3.35 20.82 12.15
N TRP A 225 -4.03 19.72 12.48
CA TRP A 225 -3.58 18.86 13.58
C TRP A 225 -2.16 18.27 13.30
N TRP A 226 -1.78 18.19 12.02
CA TRP A 226 -0.42 17.77 11.66
C TRP A 226 0.02 18.49 10.41
N HIS A 227 1.18 19.14 10.48
CA HIS A 227 1.77 19.82 9.33
C HIS A 227 3.30 19.87 9.46
N GLU A 228 3.97 19.94 8.33
CA GLU A 228 5.42 19.92 8.32
C GLU A 228 5.85 20.94 7.27
N PRO A 229 7.07 21.50 7.42
CA PRO A 229 7.53 22.47 6.43
C PRO A 229 7.78 21.82 5.09
N THR A 230 7.68 22.63 4.05
CA THR A 230 7.75 22.20 2.68
C THR A 230 9.04 21.43 2.43
N ASN A 231 8.88 20.23 1.86
CA ASN A 231 9.96 19.30 1.53
C ASN A 231 10.91 18.91 2.66
N SER A 232 10.43 18.95 3.90
CA SER A 232 11.20 18.46 5.02
C SER A 232 11.07 16.92 5.06
N THR A 233 11.70 16.32 6.06
CA THR A 233 11.85 14.88 6.11
C THR A 233 11.94 14.35 7.54
N TRP A 234 11.35 13.17 7.78
CA TRP A 234 11.53 12.47 9.02
C TRP A 234 13.03 12.11 9.19
N GLY A 235 13.62 12.60 10.29
CA GLY A 235 15.03 12.36 10.57
C GLY A 235 15.87 13.03 9.48
N ASN A 236 16.82 12.28 8.95
CA ASN A 236 17.72 12.75 7.90
C ASN A 236 17.32 12.18 6.53
N GLY A 237 16.16 11.54 6.44
CA GLY A 237 15.61 11.11 5.14
C GLY A 237 15.88 9.66 4.75
N THR A 238 16.32 8.82 5.70
CA THR A 238 16.80 7.47 5.38
C THR A 238 15.67 6.43 5.40
N TRP A 239 14.81 6.51 6.42
CA TRP A 239 13.81 5.47 6.71
C TRP A 239 12.35 5.75 6.32
N ALA A 240 12.01 6.99 5.98
CA ALA A 240 10.59 7.37 5.68
C ALA A 240 10.46 8.47 4.66
N GLY A 241 11.34 8.42 3.65
CA GLY A 241 11.25 9.29 2.51
C GLY A 241 11.30 10.73 2.93
N ARG A 242 10.48 11.55 2.26
CA ARG A 242 10.31 12.95 2.62
C ARG A 242 8.81 13.25 2.82
N TRP A 243 8.53 14.25 3.65
CA TRP A 243 7.17 14.79 3.79
C TRP A 243 6.80 15.54 2.51
N ALA A 244 7.81 16.06 1.82
CA ALA A 244 7.69 16.52 0.43
C ALA A 244 6.73 17.73 0.26
N PHE A 245 6.12 17.92 -0.91
CA PHE A 245 5.36 19.13 -1.20
C PHE A 245 3.84 19.10 -0.99
N ASN A 246 3.28 17.93 -0.74
CA ASN A 246 1.81 17.80 -0.54
C ASN A 246 1.49 16.43 0.06
N PHE A 247 0.54 16.37 0.99
CA PHE A 247 0.00 15.11 1.51
C PHE A 247 -1.30 14.74 0.77
N GLU A 248 -1.42 13.46 0.45
CA GLU A 248 -2.58 12.88 -0.18
C GLU A 248 -3.07 11.67 0.64
N THR A 249 -4.31 11.28 0.38
CA THR A 249 -4.91 10.03 0.85
C THR A 249 -4.68 9.68 2.31
N GLY A 250 -4.80 10.71 3.16
CA GLY A 250 -4.58 10.55 4.59
C GLY A 250 -5.56 9.57 5.18
N ASN A 251 -5.05 8.53 5.84
CA ASN A 251 -5.87 7.64 6.67
C ASN A 251 -5.45 7.86 8.13
N VAL A 252 -6.41 7.78 9.05
CA VAL A 252 -6.15 7.83 10.48
C VAL A 252 -6.86 6.68 11.16
N PHE A 253 -6.16 6.06 12.10
CA PHE A 253 -6.66 4.86 12.77
C PHE A 253 -5.81 4.59 14.00
N SER A 254 -6.20 3.60 14.79
CA SER A 254 -5.55 3.31 16.06
C SER A 254 -5.40 1.79 16.24
N LEU A 255 -4.21 1.40 16.71
CA LEU A 255 -3.80 -0.01 16.78
C LEU A 255 -3.31 -0.45 18.18
N ASP A 256 -3.46 -1.75 18.45
CA ASP A 256 -2.67 -2.44 19.49
C ASP A 256 -1.89 -3.58 18.81
N GLU A 257 -1.42 -4.51 19.62
CA GLU A 257 -0.60 -5.63 19.18
C GLU A 257 -1.34 -6.64 18.28
N TYR A 258 -2.67 -6.66 18.36
CA TYR A 258 -3.49 -7.64 17.66
C TYR A 258 -4.17 -7.09 16.39
N GLY A 259 -4.32 -5.78 16.29
CA GLY A 259 -5.14 -5.20 15.24
C GLY A 259 -5.63 -3.81 15.61
N TYR A 260 -6.88 -3.51 15.25
CA TYR A 260 -7.43 -2.19 15.49
C TYR A 260 -7.95 -2.10 16.92
N ASN A 261 -7.70 -0.95 17.57
CA ASN A 261 -8.20 -0.67 18.92
C ASN A 261 -8.52 0.81 19.05
N PRO A 262 -9.79 1.18 19.35
CA PRO A 262 -10.09 2.61 19.47
C PRO A 262 -9.19 3.35 20.47
N HIS A 263 -8.84 2.69 21.59
CA HIS A 263 -7.96 3.28 22.63
C HIS A 263 -6.47 3.10 22.37
N GLY A 264 -6.12 2.52 21.23
CA GLY A 264 -4.74 2.22 20.92
C GLY A 264 -3.92 3.41 20.46
N GLN A 265 -2.67 3.11 20.14
CA GLN A 265 -1.72 4.04 19.57
C GLN A 265 -2.20 4.55 18.18
N ILE A 266 -2.08 5.86 17.96
CA ILE A 266 -2.63 6.48 16.76
C ILE A 266 -1.58 6.50 15.64
N PHE A 267 -2.04 6.12 14.43
CA PHE A 267 -1.21 6.06 13.24
C PHE A 267 -1.93 6.77 12.11
N THR A 268 -1.15 7.22 11.12
CA THR A 268 -1.71 7.69 9.86
C THR A 268 -0.90 7.15 8.69
N THR A 269 -1.57 6.91 7.55
CA THR A 269 -0.89 6.59 6.29
C THR A 269 -1.19 7.71 5.34
N ILE A 270 -0.22 8.06 4.52
CA ILE A 270 -0.30 9.17 3.59
C ILE A 270 0.53 8.88 2.38
N GLY A 271 0.12 9.43 1.25
CA GLY A 271 0.99 9.63 0.13
C GLY A 271 1.65 11.00 0.27
N THR A 272 2.91 11.10 -0.12
CA THR A 272 3.55 12.42 -0.26
C THR A 272 3.96 12.62 -1.71
N GLU A 273 3.81 13.85 -2.20
CA GLU A 273 4.16 14.21 -3.58
C GLU A 273 5.49 14.96 -3.54
N GLY A 274 6.51 14.34 -4.09
CA GLY A 274 7.86 14.87 -4.08
C GLY A 274 8.31 15.27 -5.47
N SER A 275 9.51 15.84 -5.52
CA SER A 275 10.03 16.51 -6.70
C SER A 275 11.51 16.87 -6.54
N ASP A 276 12.24 16.96 -7.64
CA ASP A 276 13.54 17.65 -7.61
C ASP A 276 13.33 19.15 -7.66
N LEU A 277 14.39 19.88 -7.29
CA LEU A 277 14.47 21.31 -7.55
C LEU A 277 15.34 21.43 -8.81
N PRO A 278 14.98 22.30 -9.75
CA PRO A 278 13.75 23.09 -9.74
C PRO A 278 12.50 22.22 -10.02
N VAL A 279 11.34 22.73 -9.60
CA VAL A 279 10.07 22.03 -9.78
C VAL A 279 9.65 22.07 -11.25
N VAL A 280 9.29 20.91 -11.79
CA VAL A 280 8.65 20.79 -13.10
C VAL A 280 7.13 20.94 -12.92
N PRO A 281 6.51 22.00 -13.50
CA PRO A 281 5.07 22.21 -13.40
C PRO A 281 4.22 20.97 -13.69
N GLN A 282 3.28 20.70 -12.78
CA GLN A 282 2.34 19.57 -12.87
C GLN A 282 2.95 18.18 -12.78
N LEU A 283 4.23 18.09 -12.45
CA LEU A 283 4.90 16.82 -12.24
C LEU A 283 5.17 16.56 -10.76
N THR A 284 4.68 15.42 -10.28
CA THR A 284 5.11 14.79 -9.04
C THR A 284 6.00 13.64 -9.50
N SER A 285 7.28 13.70 -9.19
CA SER A 285 8.22 12.67 -9.63
C SER A 285 8.41 11.61 -8.58
N ILE A 286 8.11 11.91 -7.31
CA ILE A 286 8.28 10.95 -6.23
C ILE A 286 6.92 10.75 -5.56
N HIS A 287 6.42 9.53 -5.57
CA HIS A 287 5.15 9.19 -4.92
C HIS A 287 5.43 8.26 -3.74
N ASP A 288 5.65 8.81 -2.56
CA ASP A 288 6.05 8.00 -1.39
C ASP A 288 4.82 7.57 -0.60
N MET A 289 4.76 6.27 -0.28
CA MET A 289 3.68 5.68 0.49
C MET A 289 4.13 5.41 1.92
N LEU A 290 3.84 6.37 2.80
CA LEU A 290 4.33 6.39 4.17
C LEU A 290 3.27 6.04 5.21
N TRP A 291 3.75 5.47 6.32
CA TRP A 291 3.01 5.31 7.56
C TRP A 291 3.73 6.13 8.63
N VAL A 292 2.97 6.58 9.63
CA VAL A 292 3.50 7.45 10.70
C VAL A 292 2.82 7.15 12.03
N SER A 293 3.61 6.92 13.07
CA SER A 293 3.10 6.75 14.44
C SER A 293 3.27 8.07 15.13
N GLY A 294 2.36 8.39 16.04
CA GLY A 294 2.43 9.65 16.73
C GLY A 294 1.61 9.68 17.99
N THR A 295 1.90 10.69 18.81
CA THR A 295 1.15 10.96 20.03
C THR A 295 0.29 12.19 19.77
N VAL A 296 -0.92 12.17 20.31
CA VAL A 296 -1.87 13.24 20.12
C VAL A 296 -2.00 13.95 21.46
N SER A 297 -1.78 15.27 21.48
CA SER A 297 -1.86 16.10 22.71
C SER A 297 -2.58 17.42 22.42
N ARG A 298 -2.91 18.18 23.47
CA ARG A 298 -3.66 19.42 23.34
C ARG A 298 -3.05 20.57 24.16
N ASN A 299 -2.89 21.72 23.50
CA ASN A 299 -2.41 22.97 24.12
C ASN A 299 -3.20 24.13 23.46
N GLY A 300 -4.50 24.17 23.70
CA GLY A 300 -5.44 25.00 22.90
C GLY A 300 -6.13 24.17 21.82
N SER A 301 -5.41 23.85 20.74
CA SER A 301 -5.87 22.95 19.65
C SER A 301 -5.04 21.63 19.62
N VAL A 302 -5.62 20.54 19.10
CA VAL A 302 -4.91 19.23 19.12
C VAL A 302 -3.77 19.11 18.09
N SER A 303 -2.72 18.36 18.45
CA SER A 303 -1.60 18.05 17.55
C SER A 303 -1.29 16.56 17.48
N PHE A 304 -0.88 16.11 16.30
CA PHE A 304 -0.34 14.77 16.09
C PHE A 304 1.15 15.00 15.90
N ASN A 305 1.95 14.42 16.77
CA ASN A 305 3.40 14.65 16.83
C ASN A 305 4.05 13.32 16.48
N PRO A 306 4.65 13.22 15.28
CA PRO A 306 5.24 11.94 14.88
C PRO A 306 6.36 11.49 15.83
N ASN A 307 6.39 10.22 16.19
CA ASN A 307 7.53 9.67 16.97
C ASN A 307 8.33 8.58 16.22
N MET A 308 7.74 7.99 15.17
CA MET A 308 8.46 7.17 14.20
C MET A 308 7.64 7.11 12.89
N ALA A 309 8.30 6.74 11.80
CA ALA A 309 7.65 6.69 10.49
C ALA A 309 8.44 5.78 9.56
N GLY A 310 7.74 5.23 8.56
CA GLY A 310 8.36 4.40 7.50
C GLY A 310 7.51 4.40 6.24
N PHE A 311 7.77 3.42 5.37
CA PHE A 311 6.97 3.20 4.16
C PHE A 311 6.04 2.03 4.42
N LEU A 312 4.78 2.19 4.01
CA LEU A 312 3.80 1.06 3.99
C LEU A 312 4.15 0.12 2.84
N ASP A 313 4.65 0.69 1.73
CA ASP A 313 5.23 -0.11 0.67
C ASP A 313 6.34 0.71 -0.03
N TRP A 314 7.49 0.08 -0.25
CA TRP A 314 8.68 0.77 -0.79
C TRP A 314 8.68 0.86 -2.33
N GLY A 315 7.69 0.24 -2.97
CA GLY A 315 7.59 0.28 -4.44
C GLY A 315 7.56 1.70 -4.97
N PHE A 316 8.33 1.96 -6.02
CA PHE A 316 8.23 3.23 -6.75
C PHE A 316 6.77 3.51 -7.11
N SER A 317 6.09 2.51 -7.66
CA SER A 317 4.72 2.64 -8.13
C SER A 317 3.63 2.43 -7.06
N SER A 318 4.01 2.14 -5.81
CA SER A 318 3.08 1.98 -4.71
C SER A 318 2.69 3.34 -4.11
N TYR A 319 1.40 3.56 -3.88
CA TYR A 319 0.89 4.85 -3.46
C TYR A 319 -0.57 4.80 -2.99
N ALA A 320 -1.06 5.90 -2.44
CA ALA A 320 -2.48 6.14 -2.31
C ALA A 320 -3.29 5.11 -1.53
N ALA A 321 -2.68 4.46 -0.53
CA ALA A 321 -3.36 3.38 0.18
C ALA A 321 -4.59 3.86 0.89
N ALA A 322 -5.61 3.01 0.87
CA ALA A 322 -6.83 3.25 1.59
C ALA A 322 -7.20 2.03 2.38
N GLY A 323 -7.58 2.29 3.61
CA GLY A 323 -7.87 1.24 4.54
C GLY A 323 -9.10 1.57 5.33
N LYS A 324 -9.55 0.57 6.09
CA LYS A 324 -10.75 0.73 6.85
C LYS A 324 -10.70 -0.18 8.03
N VAL A 325 -11.37 0.22 9.10
CA VAL A 325 -11.68 -0.66 10.23
C VAL A 325 -12.55 -1.78 9.70
N LEU A 326 -12.13 -3.01 10.01
CA LEU A 326 -12.92 -4.20 9.79
C LEU A 326 -13.21 -4.85 11.15
N PRO A 327 -14.46 -4.71 11.63
CA PRO A 327 -14.78 -5.22 12.96
C PRO A 327 -14.85 -6.76 13.03
N SER A 328 -14.64 -7.28 14.24
CA SER A 328 -14.70 -8.73 14.53
C SER A 328 -16.02 -9.37 14.18
N THR A 329 -17.09 -8.57 14.25
CA THR A 329 -18.47 -8.95 13.90
C THR A 329 -18.75 -9.09 12.39
N SER A 330 -17.83 -8.62 11.54
CA SER A 330 -18.03 -8.75 10.08
C SER A 330 -18.09 -10.21 9.63
N LEU A 331 -18.65 -10.44 8.45
CA LEU A 331 -18.70 -11.79 7.88
C LEU A 331 -17.32 -12.46 7.77
N PRO A 332 -16.32 -11.79 7.20
CA PRO A 332 -14.99 -12.42 7.13
C PRO A 332 -14.36 -12.74 8.47
N SER A 333 -14.43 -11.79 9.40
CA SER A 333 -13.83 -11.95 10.73
C SER A 333 -14.55 -13.03 11.59
N THR A 334 -15.86 -13.15 11.45
CA THR A 334 -16.64 -14.20 12.11
C THR A 334 -16.21 -15.61 11.64
N LYS A 335 -15.98 -15.77 10.34
CA LYS A 335 -15.48 -17.03 9.76
C LYS A 335 -14.03 -17.35 10.21
N SER A 336 -13.18 -16.34 10.30
CA SER A 336 -11.75 -16.58 10.58
C SER A 336 -11.41 -16.46 12.07
N GLY A 337 -12.34 -15.97 12.89
CA GLY A 337 -12.08 -15.73 14.32
C GLY A 337 -11.13 -14.55 14.59
N ALA A 338 -11.00 -13.63 13.63
CA ALA A 338 -10.11 -12.48 13.78
C ALA A 338 -10.73 -11.45 14.73
N PRO A 339 -9.87 -10.72 15.48
CA PRO A 339 -10.34 -9.58 16.24
C PRO A 339 -10.56 -8.39 15.30
N ASP A 340 -10.86 -7.23 15.86
CA ASP A 340 -10.99 -6.00 15.09
C ASP A 340 -9.66 -5.76 14.37
N ARG A 341 -9.74 -5.41 13.08
CA ARG A 341 -8.56 -5.17 12.26
C ARG A 341 -8.62 -3.82 11.56
N PHE A 342 -7.46 -3.40 11.05
CA PHE A 342 -7.37 -2.29 10.11
C PHE A 342 -6.78 -2.88 8.84
N ILE A 343 -7.59 -2.97 7.79
CA ILE A 343 -7.18 -3.57 6.51
C ILE A 343 -6.87 -2.45 5.56
N SER A 344 -5.67 -2.44 5.00
CA SER A 344 -5.24 -1.40 4.07
C SER A 344 -4.89 -1.98 2.70
N TYR A 345 -5.40 -1.37 1.64
CA TYR A 345 -5.06 -1.76 0.25
C TYR A 345 -4.19 -0.67 -0.32
N VAL A 346 -2.97 -1.02 -0.68
CA VAL A 346 -2.08 -0.09 -1.36
C VAL A 346 -2.36 -0.13 -2.87
N TRP A 347 -2.26 1.01 -3.54
CA TRP A 347 -2.44 1.07 -5.00
C TRP A 347 -1.09 0.84 -5.65
N LEU A 348 -1.08 0.01 -6.69
CA LEU A 348 0.07 -0.12 -7.56
C LEU A 348 -0.31 0.41 -8.94
N SER A 349 0.11 1.65 -9.19
CA SER A 349 -0.06 2.28 -10.48
C SER A 349 0.60 1.45 -11.58
N GLY A 350 -0.13 1.26 -12.66
CA GLY A 350 0.30 0.38 -13.75
C GLY A 350 1.22 1.03 -14.78
N ASP A 351 1.28 2.36 -14.79
CA ASP A 351 1.93 3.13 -15.86
C ASP A 351 2.79 4.28 -15.31
N LEU A 352 3.40 4.08 -14.12
CA LEU A 352 4.29 5.08 -13.52
C LEU A 352 3.62 6.44 -13.32
N PHE A 353 2.40 6.36 -12.80
CA PHE A 353 1.59 7.57 -12.57
C PHE A 353 1.44 8.36 -13.88
N GLU A 354 1.16 7.63 -14.96
CA GLU A 354 0.93 8.17 -16.33
C GLU A 354 2.16 8.78 -16.99
N GLN A 355 3.33 8.20 -16.72
CA GLN A 355 4.60 8.59 -17.36
C GLN A 355 5.20 7.47 -18.20
N ALA A 356 4.45 6.41 -18.48
CA ALA A 356 4.95 5.32 -19.30
C ALA A 356 4.31 5.45 -20.66
N GLU A 357 4.79 6.44 -21.40
CA GLU A 357 4.42 6.58 -22.79
C GLU A 357 5.03 5.43 -23.59
N GLY A 358 4.20 4.85 -24.46
CA GLY A 358 4.60 3.76 -25.32
C GLY A 358 4.08 2.40 -24.87
N PHE A 359 3.74 2.27 -23.59
CA PHE A 359 3.28 0.98 -23.06
C PHE A 359 2.08 0.53 -23.89
N PRO A 360 1.96 -0.78 -24.16
CA PRO A 360 0.87 -1.29 -25.00
C PRO A 360 -0.44 -1.38 -24.23
N THR A 361 -1.01 -0.22 -23.97
CA THR A 361 -2.15 -0.08 -23.09
C THR A 361 -3.40 -0.67 -23.75
N ASN A 362 -3.68 -0.32 -25.00
CA ASN A 362 -4.89 -0.81 -25.64
C ASN A 362 -4.80 -2.30 -25.91
N GLN A 363 -3.57 -2.84 -25.98
CA GLN A 363 -3.34 -4.29 -26.12
C GLN A 363 -3.71 -5.02 -24.84
N GLN A 364 -3.28 -4.50 -23.70
CA GLN A 364 -3.59 -5.09 -22.39
C GLN A 364 -5.06 -4.85 -22.00
N ASN A 365 -5.60 -3.67 -22.31
CA ASN A 365 -6.98 -3.28 -21.95
C ASN A 365 -7.24 -3.26 -20.43
N TRP A 366 -6.19 -3.11 -19.62
CA TRP A 366 -6.28 -2.81 -18.21
C TRP A 366 -5.00 -2.11 -17.78
N THR A 367 -5.08 -1.38 -16.69
CA THR A 367 -3.96 -0.63 -16.14
C THR A 367 -4.11 -0.62 -14.60
N GLY A 368 -3.10 -1.11 -13.91
CA GLY A 368 -3.01 -1.06 -12.46
C GLY A 368 -3.71 -2.18 -11.72
N THR A 369 -3.38 -2.27 -10.43
CA THR A 369 -3.99 -3.19 -9.50
C THR A 369 -3.90 -2.60 -8.09
N LEU A 370 -4.70 -3.11 -7.17
CA LEU A 370 -4.43 -2.97 -5.75
C LEU A 370 -3.53 -4.12 -5.30
N LEU A 371 -2.75 -3.91 -4.24
CA LEU A 371 -1.94 -4.98 -3.67
C LEU A 371 -2.82 -5.83 -2.77
N LEU A 372 -2.26 -6.89 -2.24
CA LEU A 372 -3.01 -7.76 -1.34
C LEU A 372 -3.48 -6.94 -0.11
N PRO A 373 -4.69 -7.22 0.39
CA PRO A 373 -5.04 -6.58 1.64
C PRO A 373 -4.01 -6.90 2.71
N ARG A 374 -3.65 -5.86 3.47
CA ARG A 374 -2.69 -5.97 4.55
C ARG A 374 -3.35 -5.64 5.90
N GLU A 375 -3.00 -6.44 6.91
CA GLU A 375 -3.37 -6.18 8.31
C GLU A 375 -2.30 -5.27 8.91
N LEU A 376 -2.74 -4.18 9.56
CA LEU A 376 -1.81 -3.27 10.28
C LEU A 376 -2.01 -3.47 11.76
N ARG A 377 -0.90 -3.55 12.49
CA ARG A 377 -0.91 -3.76 13.94
C ARG A 377 0.37 -3.24 14.53
N VAL A 378 0.41 -3.06 15.85
CA VAL A 378 1.66 -2.74 16.55
C VAL A 378 2.54 -4.01 16.63
N LEU A 379 3.76 -3.95 16.09
CA LEU A 379 4.69 -5.08 16.14
C LEU A 379 5.82 -4.76 17.11
N TYR A 380 6.03 -5.68 18.06
CA TYR A 380 7.15 -5.62 19.01
C TYR A 380 8.28 -6.57 18.59
N ILE A 381 9.52 -6.08 18.65
CA ILE A 381 10.72 -6.89 18.40
C ILE A 381 11.56 -7.02 19.71
N PRO A 382 11.45 -8.18 20.42
CA PRO A 382 12.15 -8.32 21.70
C PRO A 382 13.62 -8.78 21.55
N ASN A 383 14.38 -8.60 22.63
CA ASN A 383 15.75 -9.13 22.79
C ASN A 383 16.75 -8.54 21.78
N VAL A 384 16.53 -7.30 21.39
CA VAL A 384 17.42 -6.63 20.47
C VAL A 384 18.57 -6.07 21.29
N VAL A 385 19.78 -6.21 20.76
CA VAL A 385 20.96 -5.73 21.47
C VAL A 385 20.97 -4.21 21.44
N ASP A 386 21.00 -3.63 22.65
CA ASP A 386 21.03 -2.19 22.86
C ASP A 386 22.34 -1.54 22.38
N ASN A 387 22.46 -1.37 21.07
CA ASN A 387 23.64 -0.76 20.45
C ASN A 387 23.16 0.41 19.57
N ALA A 388 24.04 0.97 18.74
CA ALA A 388 23.74 2.12 17.87
C ALA A 388 22.76 1.81 16.71
N LEU A 389 22.76 0.57 16.25
CA LEU A 389 21.77 0.10 15.26
C LEU A 389 20.36 0.21 15.84
N ALA A 390 20.17 -0.31 17.05
CA ALA A 390 18.87 -0.22 17.73
C ALA A 390 18.45 1.21 18.14
N ARG A 391 19.42 2.06 18.45
CA ARG A 391 19.13 3.37 19.07
C ARG A 391 19.05 4.55 18.08
N GLU A 392 19.20 4.30 16.77
CA GLU A 392 19.23 5.40 15.78
C GLU A 392 17.95 6.20 15.87
N SER A 393 18.11 7.52 15.84
CA SER A 393 16.97 8.44 15.92
C SER A 393 16.39 8.66 14.52
N GLY A 394 15.15 9.16 14.48
CA GLY A 394 14.48 9.48 13.23
C GLY A 394 14.38 8.28 12.30
N ALA A 395 13.96 7.14 12.85
CA ALA A 395 13.87 5.86 12.13
C ALA A 395 12.43 5.31 12.18
N SER A 396 12.25 4.08 11.71
CA SER A 396 10.92 3.46 11.56
C SER A 396 10.62 2.48 12.68
N TRP A 397 11.27 2.69 13.82
CA TRP A 397 11.01 1.94 15.04
C TRP A 397 11.34 2.85 16.23
N GLN A 398 11.02 2.42 17.43
CA GLN A 398 11.49 3.12 18.64
C GLN A 398 11.63 2.14 19.81
N VAL A 399 12.53 2.47 20.73
CA VAL A 399 12.73 1.69 21.96
C VAL A 399 11.55 1.97 22.90
N VAL A 400 10.86 0.94 23.38
CA VAL A 400 9.74 1.14 24.36
C VAL A 400 10.03 0.64 25.79
N SER A 401 11.02 -0.23 25.94
CA SER A 401 11.57 -0.65 27.24
C SER A 401 13.00 -1.18 27.07
N SER A 402 13.71 -1.29 28.18
CA SER A 402 15.11 -1.71 28.17
C SER A 402 15.45 -2.53 29.42
N ASP A 403 16.33 -3.49 29.21
CA ASP A 403 16.82 -4.40 30.24
C ASP A 403 18.35 -4.17 30.34
N GLY A 404 18.76 -3.38 31.35
CA GLY A 404 20.18 -3.11 31.62
C GLY A 404 21.03 -4.36 31.86
N SER A 405 20.46 -5.36 32.55
CA SER A 405 21.16 -6.64 32.88
C SER A 405 21.46 -7.50 31.64
N ALA A 406 20.42 -7.76 30.85
CA ALA A 406 20.56 -8.50 29.57
C ALA A 406 21.35 -7.70 28.50
N GLY A 407 21.31 -6.36 28.59
CA GLY A 407 21.95 -5.48 27.61
C GLY A 407 21.06 -5.32 26.38
N THR A 408 19.73 -5.42 26.57
CA THR A 408 18.74 -5.47 25.49
C THR A 408 17.70 -4.37 25.57
N VAL A 409 16.95 -4.23 24.48
CA VAL A 409 15.78 -3.35 24.38
C VAL A 409 14.64 -4.10 23.71
N GLU A 410 13.39 -3.75 24.05
CA GLU A 410 12.23 -4.11 23.21
C GLU A 410 11.98 -2.94 22.23
N LEU A 411 11.88 -3.24 20.93
CA LEU A 411 11.52 -2.27 19.90
C LEU A 411 10.04 -2.36 19.52
N GLN A 412 9.54 -1.25 19.00
CA GLN A 412 8.17 -1.13 18.52
C GLN A 412 8.23 -0.56 17.10
N THR A 413 7.38 -1.08 16.21
CA THR A 413 7.29 -0.58 14.83
C THR A 413 5.92 -0.94 14.26
N LEU A 414 5.68 -0.64 12.98
CA LEU A 414 4.38 -0.99 12.36
C LEU A 414 4.46 -2.40 11.83
N GLY A 415 3.54 -3.25 12.30
CA GLY A 415 3.35 -4.60 11.75
C GLY A 415 2.56 -4.57 10.45
N ILE A 416 3.14 -5.14 9.41
CA ILE A 416 2.53 -5.20 8.07
C ILE A 416 2.59 -6.64 7.57
N SER A 417 1.43 -7.26 7.43
CA SER A 417 1.36 -8.62 6.89
C SER A 417 0.15 -8.80 6.00
N ILE A 418 0.16 -9.88 5.20
CA ILE A 418 -0.93 -10.17 4.32
C ILE A 418 -2.10 -10.55 5.21
N ALA A 419 -3.29 -10.04 4.91
CA ALA A 419 -4.46 -10.41 5.70
C ALA A 419 -4.62 -11.91 5.67
N ARG A 420 -4.97 -12.45 6.83
CA ARG A 420 -4.79 -13.87 7.13
C ARG A 420 -5.59 -14.82 6.21
N GLU A 421 -6.81 -14.44 5.86
CA GLU A 421 -7.64 -15.28 5.00
C GLU A 421 -7.11 -15.28 3.55
N THR A 422 -6.56 -14.15 3.12
CA THR A 422 -5.90 -14.04 1.82
C THR A 422 -4.61 -14.88 1.80
N LYS A 423 -3.76 -14.72 2.82
CA LYS A 423 -2.55 -15.53 2.97
C LYS A 423 -2.87 -17.02 2.88
N ALA A 424 -3.86 -17.49 3.64
CA ALA A 424 -4.20 -18.91 3.63
C ALA A 424 -4.72 -19.36 2.27
N ALA A 425 -5.52 -18.52 1.59
CA ALA A 425 -5.97 -18.85 0.25
C ALA A 425 -4.81 -18.83 -0.80
N LEU A 426 -3.81 -17.99 -0.58
CA LEU A 426 -2.60 -18.03 -1.42
C LEU A 426 -1.78 -19.33 -1.26
N LEU A 427 -1.77 -19.89 -0.04
CA LEU A 427 -1.04 -21.13 0.24
C LEU A 427 -1.84 -22.40 -0.02
N SER A 428 -3.06 -22.27 -0.55
CA SER A 428 -4.03 -23.37 -0.54
C SER A 428 -3.63 -24.57 -1.39
N GLY A 429 -2.98 -24.34 -2.54
CA GLY A 429 -2.75 -25.42 -3.51
C GLY A 429 -1.65 -26.46 -3.28
N THR A 430 -0.90 -26.73 -4.35
CA THR A 430 0.32 -27.55 -4.34
C THR A 430 1.36 -26.90 -3.44
N SER A 431 2.18 -27.72 -2.81
CA SER A 431 3.10 -27.25 -1.80
C SER A 431 4.32 -28.16 -1.74
N PHE A 432 5.51 -27.64 -2.02
CA PHE A 432 6.77 -28.43 -1.90
C PHE A 432 7.88 -27.63 -1.25
N THR A 433 8.93 -28.33 -0.80
CA THR A 433 10.04 -27.71 -0.09
C THR A 433 11.38 -27.97 -0.79
N GLU A 434 12.23 -26.95 -0.80
CA GLU A 434 13.60 -27.04 -1.29
C GLU A 434 14.47 -27.10 -0.02
N SER A 435 15.43 -28.01 0.01
CA SER A 435 16.31 -28.18 1.18
C SER A 435 17.14 -26.92 1.49
N GLY A 436 17.28 -26.67 2.79
CA GLY A 436 18.21 -25.68 3.30
C GLY A 436 19.61 -25.99 2.85
N ARG A 437 20.44 -24.95 2.80
CA ARG A 437 21.84 -25.08 2.45
C ARG A 437 22.58 -23.81 2.81
N THR A 438 23.89 -23.93 2.91
CA THR A 438 24.75 -22.78 3.18
C THR A 438 25.54 -22.56 1.89
N LEU A 439 25.62 -21.29 1.47
CA LEU A 439 26.37 -20.92 0.27
C LEU A 439 27.48 -19.92 0.60
N ASN A 440 28.68 -20.19 0.08
CA ASN A 440 29.86 -19.33 0.31
C ASN A 440 30.45 -18.71 -0.96
N SER A 441 30.39 -19.45 -2.07
CA SER A 441 30.88 -18.98 -3.36
C SER A 441 29.78 -18.23 -4.11
N SER A 442 30.16 -17.57 -5.19
CA SER A 442 29.27 -16.69 -5.95
C SER A 442 28.51 -17.42 -7.06
N GLY A 443 27.35 -16.90 -7.43
CA GLY A 443 26.54 -17.42 -8.53
C GLY A 443 25.14 -17.84 -8.11
N VAL A 444 24.37 -18.34 -9.08
CA VAL A 444 23.03 -18.86 -8.86
C VAL A 444 23.04 -20.41 -8.86
N VAL A 445 22.27 -21.00 -7.95
CA VAL A 445 22.18 -22.44 -7.80
C VAL A 445 20.70 -22.85 -7.96
N PRO A 446 20.35 -23.55 -9.06
CA PRO A 446 18.94 -23.92 -9.27
C PRO A 446 18.33 -24.69 -8.11
N PHE A 447 17.04 -24.47 -7.90
CA PHE A 447 16.24 -25.32 -7.03
C PHE A 447 16.10 -26.64 -7.78
N LYS A 448 15.93 -27.73 -7.04
CA LYS A 448 15.68 -29.05 -7.64
C LYS A 448 14.33 -29.08 -8.33
N ARG A 449 13.34 -28.41 -7.73
CA ARG A 449 12.03 -28.19 -8.34
C ARG A 449 11.60 -26.71 -8.26
N SER A 450 11.12 -26.21 -9.40
CA SER A 450 10.55 -24.88 -9.52
C SER A 450 9.06 -24.97 -9.84
N PRO A 451 8.30 -23.89 -9.57
CA PRO A 451 6.89 -23.87 -9.98
C PRO A 451 6.76 -23.87 -11.50
N SER A 452 5.71 -24.51 -12.01
CA SER A 452 5.49 -24.62 -13.44
C SER A 452 4.76 -23.42 -14.08
N GLU A 453 4.27 -22.49 -13.24
CA GLU A 453 3.62 -21.29 -13.77
C GLU A 453 4.00 -20.06 -12.94
N LYS A 454 3.62 -18.87 -13.40
CA LYS A 454 4.07 -17.63 -12.76
C LYS A 454 3.11 -17.16 -11.64
N PHE A 455 2.70 -18.09 -10.79
CA PHE A 455 1.71 -17.88 -9.77
C PHE A 455 2.17 -18.67 -8.54
N PHE A 456 2.85 -18.03 -7.60
CA PHE A 456 3.39 -18.77 -6.45
C PHE A 456 3.73 -17.89 -5.25
N VAL A 457 3.86 -18.54 -4.10
CA VAL A 457 4.45 -17.94 -2.90
C VAL A 457 5.74 -18.68 -2.55
N LEU A 458 6.80 -17.93 -2.26
CA LEU A 458 8.06 -18.47 -1.79
C LEU A 458 8.34 -17.87 -0.41
N SER A 459 8.56 -18.73 0.58
CA SER A 459 8.91 -18.32 1.96
C SER A 459 10.25 -18.96 2.34
N ALA A 460 11.13 -18.16 2.94
CA ALA A 460 12.43 -18.64 3.38
C ALA A 460 13.01 -17.72 4.43
N GLN A 461 13.90 -18.29 5.26
CA GLN A 461 14.68 -17.56 6.28
C GLN A 461 16.15 -17.56 5.88
N LEU A 462 16.77 -16.39 5.82
CA LEU A 462 18.21 -16.27 5.58
C LEU A 462 18.88 -15.90 6.91
N SER A 463 19.89 -16.67 7.30
CA SER A 463 20.68 -16.41 8.53
C SER A 463 22.05 -15.97 8.07
N PHE A 464 22.49 -14.81 8.54
CA PHE A 464 23.80 -14.31 8.17
C PHE A 464 24.77 -14.48 9.35
N PRO A 465 26.03 -14.89 9.07
CA PRO A 465 27.05 -14.97 10.13
C PRO A 465 27.51 -13.58 10.53
N ALA A 466 28.21 -13.49 11.65
CA ALA A 466 28.62 -12.20 12.21
C ALA A 466 29.41 -11.31 11.24
N SER A 467 30.21 -11.91 10.35
CA SER A 467 31.03 -11.15 9.38
C SER A 467 30.20 -10.45 8.27
N ALA A 468 28.93 -10.81 8.13
CA ALA A 468 28.06 -10.20 7.12
C ALA A 468 27.95 -8.67 7.30
N ARG A 469 27.80 -8.22 8.55
CA ARG A 469 27.71 -6.79 8.90
C ARG A 469 28.86 -6.00 8.30
N GLY A 470 28.57 -4.87 7.66
CA GLY A 470 29.62 -4.03 7.07
C GLY A 470 30.39 -4.63 5.87
N SER A 471 29.90 -5.76 5.34
CA SER A 471 30.46 -6.37 4.14
C SER A 471 29.61 -6.00 2.92
N GLY A 472 30.09 -6.41 1.74
CA GLY A 472 29.40 -6.19 0.45
C GLY A 472 28.60 -7.40 -0.02
N LEU A 473 28.17 -8.21 0.96
CA LEU A 473 27.30 -9.37 0.72
C LEU A 473 25.99 -8.97 0.04
N LYS A 474 25.55 -9.85 -0.87
CA LYS A 474 24.24 -9.81 -1.51
C LYS A 474 23.72 -11.24 -1.55
N SER A 475 22.58 -11.50 -0.94
CA SER A 475 21.99 -12.82 -0.95
C SER A 475 20.47 -12.75 -1.10
N GLY A 476 19.91 -13.72 -1.82
CA GLY A 476 18.47 -13.81 -2.02
C GLY A 476 18.10 -14.91 -3.00
N PHE A 477 17.18 -14.59 -3.91
CA PHE A 477 16.70 -15.56 -4.89
C PHE A 477 16.61 -14.94 -6.29
N GLN A 478 16.83 -15.79 -7.28
CA GLN A 478 16.56 -15.48 -8.65
C GLN A 478 15.27 -16.22 -8.98
N ILE A 479 14.30 -15.47 -9.51
CA ILE A 479 12.98 -16.00 -9.86
C ILE A 479 12.62 -15.63 -11.30
N LEU A 480 11.53 -16.22 -11.76
CA LEU A 480 11.01 -15.99 -13.11
C LEU A 480 12.11 -16.07 -14.17
N SER A 481 12.91 -17.13 -14.09
CA SER A 481 14.10 -17.24 -14.93
C SER A 481 14.01 -18.35 -15.97
N SER A 482 14.69 -18.08 -17.07
CA SER A 482 14.84 -19.00 -18.17
C SER A 482 16.10 -18.53 -18.89
N GLU A 483 16.30 -19.02 -20.11
CA GLU A 483 17.44 -18.59 -20.94
C GLU A 483 17.45 -17.07 -21.15
N HIS A 484 16.29 -16.52 -21.49
CA HIS A 484 16.18 -15.13 -21.93
C HIS A 484 15.84 -14.10 -20.84
N GLU A 485 15.40 -14.54 -19.66
CA GLU A 485 14.87 -13.66 -18.61
C GLU A 485 15.25 -14.12 -17.23
N SER A 486 15.24 -13.18 -16.29
CA SER A 486 15.45 -13.46 -14.87
C SER A 486 15.17 -12.23 -14.03
N THR A 487 14.69 -12.45 -12.82
CA THR A 487 14.51 -11.38 -11.84
C THR A 487 15.22 -11.80 -10.55
N THR A 488 16.00 -10.90 -9.96
CA THR A 488 16.73 -11.22 -8.73
C THR A 488 16.22 -10.36 -7.58
N VAL A 489 15.95 -11.00 -6.45
CA VAL A 489 15.53 -10.31 -5.24
C VAL A 489 16.58 -10.63 -4.19
N TYR A 490 17.24 -9.61 -3.63
CA TYR A 490 18.29 -9.86 -2.63
C TYR A 490 18.42 -8.83 -1.51
N TYR A 491 18.98 -9.25 -0.36
CA TYR A 491 19.34 -8.32 0.70
C TYR A 491 20.81 -7.93 0.55
N GLN A 492 21.10 -6.67 0.84
CA GLN A 492 22.42 -6.05 0.64
C GLN A 492 22.76 -5.26 1.91
N PHE A 493 23.81 -5.69 2.62
CA PHE A 493 24.20 -5.05 3.89
C PHE A 493 24.83 -3.66 3.71
N SER A 494 25.60 -3.47 2.63
CA SER A 494 26.28 -2.18 2.39
C SER A 494 25.36 -0.94 2.44
N ASN A 495 24.10 -1.09 2.02
CA ASN A 495 23.06 -0.03 2.14
C ASN A 495 21.77 -0.49 2.82
N GLU A 496 21.85 -1.52 3.66
CA GLU A 496 20.71 -2.06 4.40
C GLU A 496 19.40 -2.08 3.58
N SER A 497 19.42 -2.76 2.43
CA SER A 497 18.28 -2.74 1.51
C SER A 497 17.90 -4.11 0.95
N ILE A 498 16.60 -4.33 0.75
CA ILE A 498 16.10 -5.35 -0.17
C ILE A 498 16.08 -4.66 -1.53
N ILE A 499 16.63 -5.33 -2.53
CA ILE A 499 16.68 -4.84 -3.89
C ILE A 499 15.95 -5.82 -4.81
N VAL A 500 15.19 -5.29 -5.77
CA VAL A 500 14.70 -6.11 -6.89
C VAL A 500 15.38 -5.63 -8.17
N ASP A 501 16.22 -6.51 -8.74
CA ASP A 501 16.92 -6.25 -9.98
C ASP A 501 16.10 -6.71 -11.17
N ARG A 502 15.61 -5.74 -11.93
CA ARG A 502 14.73 -6.00 -13.06
C ARG A 502 15.41 -5.81 -14.41
N SER A 503 16.74 -5.66 -14.43
CA SER A 503 17.51 -5.45 -15.66
C SER A 503 17.25 -6.51 -16.73
N ASN A 504 17.04 -7.76 -16.30
CA ASN A 504 16.82 -8.88 -17.23
C ASN A 504 15.41 -9.47 -17.13
N THR A 505 14.48 -8.77 -16.46
CA THR A 505 13.15 -9.33 -16.13
C THR A 505 12.29 -9.65 -17.36
N SER A 506 12.28 -8.74 -18.33
CA SER A 506 11.36 -8.79 -19.47
C SER A 506 12.03 -8.69 -20.83
N ALA A 507 11.90 -9.74 -21.64
CA ALA A 507 12.27 -9.71 -23.06
C ALA A 507 11.46 -8.71 -23.87
N ALA A 508 10.25 -8.40 -23.41
CA ALA A 508 9.40 -7.40 -24.05
C ALA A 508 9.97 -5.99 -23.99
N ALA A 509 10.76 -5.69 -22.94
CA ALA A 509 11.36 -4.35 -22.79
C ALA A 509 12.40 -4.03 -23.86
N ARG A 510 13.01 -5.06 -24.44
CA ARG A 510 13.91 -4.89 -25.59
C ARG A 510 13.18 -4.40 -26.87
N THR A 511 11.95 -4.90 -27.11
CA THR A 511 11.23 -4.66 -28.36
C THR A 511 10.16 -3.58 -28.29
N THR A 512 9.84 -3.13 -27.08
CA THR A 512 8.68 -2.31 -26.82
C THR A 512 9.00 -1.18 -25.82
N ASP A 513 8.45 0.00 -26.11
CA ASP A 513 8.61 1.19 -25.28
C ASP A 513 7.76 1.18 -24.01
N GLY A 514 8.24 1.87 -22.98
CA GLY A 514 7.44 2.10 -21.77
C GLY A 514 7.32 0.90 -20.85
N ILE A 515 8.23 -0.07 -20.99
CA ILE A 515 8.28 -1.18 -20.03
C ILE A 515 9.52 -0.95 -19.19
N ASP A 516 9.27 -0.40 -18.02
CA ASP A 516 10.27 -0.03 -17.04
C ASP A 516 11.10 -1.24 -16.59
N SER A 517 12.42 -1.08 -16.55
CA SER A 517 13.33 -2.13 -16.04
C SER A 517 14.31 -1.64 -14.97
N SER A 518 14.02 -0.50 -14.35
CA SER A 518 14.87 0.04 -13.29
C SER A 518 14.70 -0.72 -11.99
N ALA A 519 15.73 -0.64 -11.16
CA ALA A 519 15.79 -1.38 -9.92
C ALA A 519 14.79 -0.78 -8.92
N GLU A 520 14.23 -1.65 -8.08
CA GLU A 520 13.35 -1.23 -6.98
C GLU A 520 14.14 -1.49 -5.71
N ALA A 521 13.90 -0.70 -4.66
CA ALA A 521 14.62 -0.85 -3.41
C ALA A 521 13.82 -0.38 -2.23
N GLY A 522 14.05 -1.03 -1.09
CA GLY A 522 13.52 -0.61 0.19
C GLY A 522 14.49 -0.89 1.33
N LYS A 523 14.56 0.04 2.27
CA LYS A 523 15.46 -0.06 3.41
C LYS A 523 14.92 -1.07 4.42
N LEU A 524 15.83 -1.91 4.91
CA LEU A 524 15.49 -2.87 5.95
C LEU A 524 16.74 -3.11 6.81
N ARG A 525 16.63 -2.77 8.10
CA ARG A 525 17.69 -3.03 9.06
C ARG A 525 17.38 -4.37 9.72
N LEU A 526 18.39 -5.23 9.76
CA LEU A 526 18.35 -6.44 10.57
C LEU A 526 19.15 -6.12 11.82
N PHE A 527 18.48 -6.15 12.97
CA PHE A 527 19.12 -5.77 14.25
C PHE A 527 19.99 -6.90 14.79
N ASP A 528 20.79 -6.60 15.81
CA ASP A 528 21.48 -7.64 16.55
C ASP A 528 20.54 -8.12 17.64
N VAL A 529 20.38 -9.45 17.78
CA VAL A 529 19.49 -10.04 18.79
C VAL A 529 20.22 -11.04 19.70
N LEU A 530 19.68 -11.19 20.91
CA LEU A 530 20.21 -12.11 21.94
C LEU A 530 19.24 -13.28 22.13
N ASN A 531 19.65 -14.47 21.71
CA ASN A 531 18.80 -15.67 21.81
C ASN A 531 19.68 -16.84 22.26
N GLY A 532 19.18 -17.60 23.23
CA GLY A 532 19.93 -18.70 23.86
C GLY A 532 21.24 -18.25 24.51
N GLY A 533 21.27 -17.00 24.99
CA GLY A 533 22.47 -16.42 25.57
C GLY A 533 23.61 -16.10 24.61
N GLU A 534 23.33 -15.97 23.31
CA GLU A 534 24.35 -15.51 22.34
C GLU A 534 23.82 -14.49 21.31
N GLN A 535 24.75 -13.62 20.90
CA GLN A 535 24.43 -12.48 20.03
C GLN A 535 24.52 -12.87 18.55
N ALA A 536 23.53 -12.45 17.77
CA ALA A 536 23.45 -12.81 16.36
C ALA A 536 22.71 -11.78 15.54
N ILE A 537 22.99 -11.79 14.24
CA ILE A 537 22.24 -11.01 13.29
C ILE A 537 20.84 -11.61 13.14
N GLU A 538 19.85 -10.73 13.21
CA GLU A 538 18.44 -11.08 12.99
C GLU A 538 18.25 -11.90 11.72
N THR A 539 17.44 -12.94 11.85
CA THR A 539 16.94 -13.72 10.73
C THR A 539 16.14 -12.81 9.77
N LEU A 540 16.46 -12.89 8.48
CA LEU A 540 15.64 -12.27 7.43
C LEU A 540 14.55 -13.27 7.05
N ASP A 541 13.33 -13.06 7.54
CA ASP A 541 12.15 -13.88 7.21
C ASP A 541 11.38 -13.33 5.97
N LEU A 542 11.62 -13.93 4.82
CA LEU A 542 11.21 -13.43 3.52
C LEU A 542 9.96 -14.16 3.02
N THR A 543 9.01 -13.41 2.45
CA THR A 543 7.84 -13.99 1.76
C THR A 543 7.70 -13.24 0.44
N LEU A 544 7.76 -13.97 -0.68
CA LEU A 544 7.60 -13.41 -2.01
C LEU A 544 6.30 -13.96 -2.56
N VAL A 545 5.38 -13.08 -2.99
CA VAL A 545 4.18 -13.51 -3.69
C VAL A 545 4.30 -13.00 -5.12
N VAL A 546 4.31 -13.92 -6.08
CA VAL A 546 4.27 -13.57 -7.51
C VAL A 546 2.90 -13.90 -8.05
N ASP A 547 2.23 -12.90 -8.64
CA ASP A 547 0.89 -13.10 -9.21
C ASP A 547 0.92 -12.61 -10.61
N ASN A 548 1.41 -13.50 -11.48
CA ASN A 548 1.74 -13.23 -12.89
C ASN A 548 2.79 -12.12 -13.01
N SER A 549 2.39 -10.85 -13.04
CA SER A 549 3.33 -9.73 -13.14
C SER A 549 3.45 -8.92 -11.86
N VAL A 550 2.62 -9.22 -10.87
CA VAL A 550 2.63 -8.49 -9.63
C VAL A 550 3.53 -9.20 -8.65
N LEU A 551 4.63 -8.54 -8.27
CA LEU A 551 5.52 -9.05 -7.21
C LEU A 551 5.34 -8.26 -5.93
N GLU A 552 5.08 -8.96 -4.83
CA GLU A 552 5.10 -8.35 -3.49
C GLU A 552 6.13 -9.09 -2.61
N VAL A 553 7.09 -8.33 -2.09
CA VAL A 553 8.17 -8.84 -1.22
C VAL A 553 7.89 -8.37 0.23
N TYR A 554 7.61 -9.31 1.13
CA TYR A 554 7.43 -9.02 2.55
C TYR A 554 8.63 -9.54 3.33
N ALA A 555 8.91 -8.89 4.47
CA ALA A 555 10.00 -9.31 5.38
C ALA A 555 9.72 -8.99 6.84
N ASN A 556 9.96 -9.97 7.72
CA ASN A 556 9.99 -9.80 9.18
C ASN A 556 8.73 -9.17 9.77
N GLY A 557 7.61 -9.26 9.04
CA GLY A 557 6.33 -8.69 9.44
C GLY A 557 6.31 -7.17 9.53
N ARG A 558 7.24 -6.50 8.86
CA ARG A 558 7.34 -5.04 8.97
C ARG A 558 7.88 -4.35 7.72
N PHE A 559 7.92 -5.04 6.60
CA PHE A 559 8.52 -4.48 5.39
C PHE A 559 7.77 -5.00 4.19
N ALA A 560 7.45 -4.11 3.26
CA ALA A 560 6.87 -4.51 1.98
C ALA A 560 7.45 -3.69 0.87
N LEU A 561 7.75 -4.35 -0.25
CA LEU A 561 8.25 -3.74 -1.49
C LEU A 561 7.58 -4.46 -2.66
N SER A 562 6.81 -3.72 -3.45
CA SER A 562 5.95 -4.30 -4.48
C SER A 562 6.25 -3.64 -5.80
N THR A 563 6.22 -4.41 -6.89
CA THR A 563 6.58 -3.92 -8.22
C THR A 563 6.02 -4.84 -9.32
N TRP A 564 6.24 -4.41 -10.57
CA TRP A 564 5.82 -5.12 -11.76
C TRP A 564 7.00 -5.93 -12.29
N VAL A 565 6.73 -7.21 -12.56
CA VAL A 565 7.67 -8.12 -13.16
C VAL A 565 7.02 -8.74 -14.42
N ARG A 566 7.20 -8.05 -15.54
CA ARG A 566 6.47 -8.36 -16.78
C ARG A 566 7.25 -9.29 -17.73
N SER A 567 7.44 -10.53 -17.27
CA SER A 567 8.16 -11.54 -18.03
C SER A 567 7.28 -12.08 -19.14
N TRP A 568 7.91 -12.29 -20.29
CA TRP A 568 7.23 -12.78 -21.49
C TRP A 568 7.20 -14.31 -21.63
N TYR A 569 8.38 -14.96 -21.59
CA TYR A 569 8.47 -16.37 -22.01
C TYR A 569 7.76 -17.31 -21.03
N ALA A 570 7.05 -18.31 -21.57
CA ALA A 570 6.34 -19.28 -20.74
C ALA A 570 7.26 -19.99 -19.77
N ASN A 571 8.50 -20.24 -20.19
CA ASN A 571 9.50 -20.97 -19.36
C ASN A 571 10.15 -20.14 -18.27
N SER A 572 9.87 -18.85 -18.20
CA SER A 572 10.50 -17.99 -17.20
C SER A 572 9.81 -18.18 -15.86
N THR A 573 10.04 -19.37 -15.27
CA THR A 573 9.43 -19.79 -14.00
C THR A 573 10.39 -20.41 -12.99
N ASN A 574 11.66 -20.55 -13.36
CA ASN A 574 12.63 -21.25 -12.54
C ASN A 574 13.08 -20.35 -11.39
N ILE A 575 13.41 -21.00 -10.28
CA ILE A 575 13.89 -20.33 -9.07
C ILE A 575 15.26 -20.89 -8.75
N SER A 576 16.16 -19.99 -8.33
CA SER A 576 17.48 -20.37 -7.86
C SER A 576 17.84 -19.62 -6.58
N PHE A 577 18.73 -20.20 -5.79
CA PHE A 577 19.42 -19.46 -4.73
C PHE A 577 20.35 -18.49 -5.38
N PHE A 578 20.54 -17.33 -4.73
CA PHE A 578 21.50 -16.33 -5.19
C PHE A 578 22.38 -15.86 -4.04
N HIS A 579 23.68 -15.76 -4.32
CA HIS A 579 24.70 -15.28 -3.37
C HIS A 579 25.84 -14.75 -4.18
N ASN A 580 26.35 -13.55 -3.86
CA ASN A 580 27.47 -12.96 -4.61
C ASN A 580 28.87 -13.41 -4.13
N GLY A 581 28.93 -14.34 -3.16
CA GLY A 581 30.18 -14.93 -2.70
C GLY A 581 30.90 -14.20 -1.56
N VAL A 582 30.47 -12.97 -1.28
CA VAL A 582 31.11 -12.11 -0.28
C VAL A 582 30.64 -12.53 1.12
N GLY A 583 31.43 -13.38 1.76
CA GLY A 583 31.03 -14.01 3.02
C GLY A 583 30.19 -15.24 2.73
N GLY A 584 29.31 -15.54 3.67
CA GLY A 584 28.43 -16.70 3.58
C GLY A 584 27.01 -16.39 4.03
N VAL A 585 26.09 -17.31 3.71
CA VAL A 585 24.68 -17.18 4.05
C VAL A 585 24.06 -18.55 4.22
N ALA A 586 23.21 -18.70 5.24
CA ALA A 586 22.51 -19.94 5.53
C ALA A 586 21.02 -19.80 5.21
N PHE A 587 20.60 -20.45 4.14
CA PHE A 587 19.18 -20.57 3.79
C PHE A 587 18.53 -21.70 4.57
N SER A 588 17.45 -21.39 5.30
CA SER A 588 16.59 -22.41 5.89
C SER A 588 15.92 -23.14 4.75
N LYS A 589 15.05 -24.10 5.09
CA LYS A 589 14.21 -24.70 4.04
C LYS A 589 13.23 -23.64 3.49
N VAL A 590 13.16 -23.65 2.16
CA VAL A 590 12.35 -22.77 1.38
C VAL A 590 11.05 -23.51 1.10
N THR A 591 9.92 -22.89 1.42
CA THR A 591 8.60 -23.39 1.06
C THR A 591 8.12 -22.69 -0.22
N VAL A 592 7.58 -23.47 -1.16
CA VAL A 592 6.98 -22.94 -2.39
C VAL A 592 5.56 -23.46 -2.48
N SER A 593 4.60 -22.54 -2.60
CA SER A 593 3.22 -22.90 -2.84
C SER A 593 2.88 -22.38 -4.23
N GLU A 594 2.29 -23.25 -5.05
CA GLU A 594 2.04 -22.95 -6.44
C GLU A 594 0.54 -22.83 -6.75
N GLY A 595 0.19 -21.85 -7.59
CA GLY A 595 -1.17 -21.67 -8.12
C GLY A 595 -1.99 -20.53 -7.53
N LEU A 596 -1.73 -20.16 -6.28
CA LEU A 596 -2.52 -19.14 -5.58
C LEU A 596 -4.00 -19.53 -5.62
N TYR A 597 -4.90 -18.59 -5.96
CA TYR A 597 -6.34 -18.89 -6.01
C TYR A 597 -7.00 -17.81 -6.86
N ASP A 598 -8.26 -18.05 -7.21
CA ASP A 598 -9.04 -17.13 -8.02
C ASP A 598 -9.79 -16.16 -7.11
N ALA A 599 -9.30 -14.93 -7.02
CA ALA A 599 -9.98 -13.93 -6.19
C ALA A 599 -11.29 -13.38 -6.78
N TRP A 600 -11.57 -13.72 -8.05
CA TRP A 600 -12.79 -13.28 -8.73
C TRP A 600 -13.54 -14.49 -9.33
N PRO A 601 -14.04 -15.40 -8.47
CA PRO A 601 -14.64 -16.65 -8.92
C PRO A 601 -15.88 -16.49 -9.78
N ASP A 602 -16.61 -15.38 -9.62
CA ASP A 602 -17.82 -15.11 -10.41
C ASP A 602 -17.56 -14.27 -11.69
N ARG A 603 -16.30 -13.95 -11.99
CA ARG A 603 -15.96 -13.34 -13.28
C ARG A 603 -15.72 -14.38 -14.38
N GLN A 604 -15.93 -13.94 -15.62
CA GLN A 604 -15.42 -14.64 -16.82
C GLN A 604 -13.86 -14.65 -16.96
N TYR A 605 -13.21 -13.47 -16.84
CA TYR A 605 -11.76 -13.30 -17.08
C TYR A 605 -10.94 -12.79 -15.87
NA NA B . 5.81 4.75 -4.11
#